data_4AYC
#
_entry.id   4AYC
#
_cell.length_a   47.374
_cell.length_b   213.717
_cell.length_c   34.102
_cell.angle_alpha   90.00
_cell.angle_beta   90.00
_cell.angle_gamma   90.00
#
_symmetry.space_group_name_H-M   'P 21 21 2'
#
loop_
_entity.id
_entity.type
_entity.pdbx_description
1 polymer 'E3 UBIQUITIN-PROTEIN LIGASE RNF8'
2 polymer 'E3 UBIQUITIN-PROTEIN LIGASE RNF8'
3 non-polymer 'SULFATE ION'
4 non-polymer N,N-BIS(3-D-GLUCONAMIDOPROPYL)DEOXYCHOLAMIDE
5 non-polymer 'ZINC ION'
6 non-polymer GLYCEROL
7 non-polymer 'CHLORIDE ION'
8 water water
#
loop_
_entity_poly.entity_id
_entity_poly.type
_entity_poly.pdbx_seq_one_letter_code
_entity_poly.pdbx_strand_id
1 'polypeptide(L)'
;LGSMEELNRSKKDFEAIIQAKNKELEQTKEEKEKMQAQKEEVLSHMNDVLENELQCIICSEYFIEAVTLNCAHSFCSYCI
NEWMKRKIECPICRKDIKSKTYSLVLDNCINKMVNNLSSEVKERRIVLIRERKAKRLF
;
A
2 'polypeptide(L)'
;LGSMEELNRSKKDFEAIIQAKNKELEQTKEEKEKMQAQKEEVLSHMNDVLENELQCIICSEYFIEAVTLNCAHSFCSYCI
NEWMKRKIECPICRKDIKSKTYSLVLDN(CSO)INKMVNNLSSEVKERRIVLIRERKAKRLF
;
B
#
# COMPACT_ATOMS: atom_id res chain seq x y z
N LEU A 1 42.64 -9.31 -50.24
CA LEU A 1 42.78 -10.60 -49.49
C LEU A 1 42.10 -11.80 -50.18
N GLY A 2 41.40 -11.54 -51.29
CA GLY A 2 40.72 -12.58 -52.05
C GLY A 2 39.28 -12.68 -51.59
N SER A 3 38.38 -12.97 -52.51
CA SER A 3 36.95 -12.88 -52.23
C SER A 3 36.48 -13.78 -51.10
N MET A 4 37.04 -14.99 -50.95
CA MET A 4 36.56 -15.88 -49.88
C MET A 4 36.84 -15.26 -48.50
N GLU A 5 38.02 -14.66 -48.35
CA GLU A 5 38.41 -14.01 -47.09
C GLU A 5 37.65 -12.68 -46.83
N GLU A 6 37.45 -11.90 -47.88
CA GLU A 6 36.72 -10.63 -47.79
C GLU A 6 35.26 -10.93 -47.49
N LEU A 7 34.71 -11.96 -48.12
CA LEU A 7 33.36 -12.41 -47.80
C LEU A 7 33.29 -12.82 -46.35
N ASN A 8 34.28 -13.59 -45.91
CA ASN A 8 34.26 -14.09 -44.52
C ASN A 8 34.32 -12.98 -43.47
N ARG A 9 35.20 -11.99 -43.65
CA ARG A 9 35.23 -10.84 -42.74
C ARG A 9 33.95 -10.00 -42.77
N SER A 10 33.35 -9.83 -43.96
CA SER A 10 32.08 -9.08 -44.03
C SER A 10 30.96 -9.80 -43.28
N LYS A 11 30.97 -11.13 -43.33
CA LYS A 11 30.02 -11.99 -42.60
C LYS A 11 30.23 -11.86 -41.11
N LYS A 12 31.48 -11.93 -40.67
CA LYS A 12 31.80 -11.77 -39.25
C LYS A 12 31.38 -10.41 -38.70
N ASP A 13 31.62 -9.36 -39.49
CA ASP A 13 31.25 -8.00 -39.07
C ASP A 13 29.73 -7.83 -38.94
N PHE A 14 29.00 -8.38 -39.91
CA PHE A 14 27.55 -8.38 -39.88
C PHE A 14 27.00 -9.16 -38.70
N GLU A 15 27.53 -10.36 -38.50
CA GLU A 15 27.16 -11.21 -37.38
C GLU A 15 27.47 -10.61 -36.02
N ALA A 16 28.59 -9.91 -35.90
CA ALA A 16 28.94 -9.23 -34.65
C ALA A 16 27.89 -8.17 -34.26
N ILE A 17 27.34 -7.48 -35.26
CA ILE A 17 26.30 -6.47 -35.00
C ILE A 17 25.04 -7.17 -34.51
N ILE A 18 24.67 -8.24 -35.18
CA ILE A 18 23.47 -9.00 -34.82
C ILE A 18 23.64 -9.52 -33.39
N GLN A 19 24.79 -10.08 -33.07
CA GLN A 19 25.04 -10.62 -31.73
C GLN A 19 25.05 -9.56 -30.63
N ALA A 20 25.66 -8.41 -30.90
CA ALA A 20 25.59 -7.25 -30.00
C ALA A 20 24.13 -6.84 -29.73
N LYS A 21 23.33 -6.77 -30.77
CA LYS A 21 21.91 -6.49 -30.61
C LYS A 21 21.14 -7.56 -29.82
N ASN A 22 21.45 -8.83 -30.06
CA ASN A 22 20.81 -9.90 -29.28
C ASN A 22 21.19 -9.87 -27.80
N LYS A 23 22.44 -9.52 -27.52
CA LYS A 23 22.88 -9.36 -26.15
C LYS A 23 22.12 -8.22 -25.49
N GLU A 24 22.05 -7.07 -26.16
CA GLU A 24 21.25 -5.98 -25.61
C GLU A 24 19.78 -6.38 -25.36
N LEU A 25 19.20 -7.04 -26.35
CA LEU A 25 17.81 -7.47 -26.29
C LEU A 25 17.61 -8.39 -25.09
N GLU A 26 18.47 -9.39 -24.96
CA GLU A 26 18.39 -10.33 -23.82
C GLU A 26 18.54 -9.62 -22.46
N GLN A 27 19.52 -8.73 -22.36
CA GLN A 27 19.73 -7.98 -21.12
C GLN A 27 18.57 -7.07 -20.78
N THR A 28 17.99 -6.43 -21.79
CA THR A 28 16.85 -5.55 -21.59
C THR A 28 15.64 -6.36 -21.05
N LYS A 29 15.42 -7.55 -21.62
CA LYS A 29 14.35 -8.44 -21.16
C LYS A 29 14.53 -8.87 -19.70
N GLU A 30 15.78 -9.18 -19.32
CA GLU A 30 16.09 -9.52 -17.93
C GLU A 30 15.84 -8.38 -16.96
N GLU A 31 16.21 -7.16 -17.34
CA GLU A 31 15.93 -5.98 -16.50
C GLU A 31 14.43 -5.75 -16.42
N LYS A 32 13.72 -5.93 -17.54
CA LYS A 32 12.26 -5.80 -17.55
C LYS A 32 11.61 -6.82 -16.61
N GLU A 33 12.02 -8.08 -16.69
CA GLU A 33 11.40 -9.14 -15.89
C GLU A 33 11.71 -8.99 -14.38
N LYS A 34 12.91 -8.52 -14.07
CA LYS A 34 13.30 -8.17 -12.69
C LYS A 34 12.40 -7.07 -12.11
N MET A 35 12.20 -5.98 -12.85
CA MET A 35 11.34 -4.92 -12.35
C MET A 35 9.87 -5.35 -12.28
N GLN A 36 9.46 -6.19 -13.22
CA GLN A 36 8.15 -6.80 -13.15
C GLN A 36 7.98 -7.64 -11.88
N ALA A 37 8.99 -8.44 -11.52
CA ALA A 37 8.93 -9.20 -10.27
C ALA A 37 8.89 -8.27 -9.05
N GLN A 38 9.73 -7.23 -9.05
CA GLN A 38 9.77 -6.26 -7.94
C GLN A 38 8.42 -5.59 -7.75
N LYS A 39 7.84 -5.13 -8.84
CA LYS A 39 6.50 -4.54 -8.84
C LYS A 39 5.47 -5.50 -8.27
N GLU A 40 5.44 -6.73 -8.79
CA GLU A 40 4.44 -7.73 -8.42
C GLU A 40 4.49 -8.11 -6.93
N GLU A 41 5.69 -8.12 -6.38
CA GLU A 41 5.94 -8.40 -4.97
C GLU A 41 5.32 -7.32 -4.07
N VAL A 42 5.45 -6.07 -4.49
CA VAL A 42 4.83 -4.98 -3.73
C VAL A 42 3.32 -5.02 -3.93
N LEU A 43 2.86 -5.32 -5.15
CA LEU A 43 1.43 -5.46 -5.39
C LEU A 43 0.85 -6.64 -4.61
N SER A 44 1.58 -7.75 -4.53
CA SER A 44 1.15 -8.88 -3.72
C SER A 44 1.02 -8.47 -2.24
N HIS A 45 1.98 -7.68 -1.77
CA HIS A 45 1.96 -7.21 -0.38
CA HIS A 45 1.95 -7.22 -0.39
C HIS A 45 0.72 -6.35 -0.13
N MET A 46 0.42 -5.44 -1.04
CA MET A 46 -0.75 -4.60 -0.89
C MET A 46 -2.03 -5.44 -0.89
N ASN A 47 -2.12 -6.42 -1.79
CA ASN A 47 -3.31 -7.27 -1.84
CA ASN A 47 -3.32 -7.28 -1.84
C ASN A 47 -3.51 -8.06 -0.55
N ASP A 48 -2.41 -8.59 -0.01
CA ASP A 48 -2.43 -9.37 1.22
C ASP A 48 -2.99 -8.53 2.37
N VAL A 49 -2.50 -7.29 2.47
CA VAL A 49 -2.93 -6.39 3.54
C VAL A 49 -4.38 -5.97 3.33
N LEU A 50 -4.71 -5.55 2.12
CA LEU A 50 -6.07 -5.12 1.84
C LEU A 50 -7.11 -6.23 2.09
N GLU A 51 -6.83 -7.45 1.61
N GLU A 51 -6.85 -7.45 1.64
CA GLU A 51 -7.77 -8.56 1.67
CA GLU A 51 -7.86 -8.50 1.72
C GLU A 51 -7.94 -9.10 3.10
C GLU A 51 -7.96 -9.13 3.11
N ASN A 52 -6.83 -9.20 3.81
CA ASN A 52 -6.77 -9.86 5.15
C ASN A 52 -6.76 -8.98 6.38
N GLU A 53 -6.60 -7.66 6.21
CA GLU A 53 -6.58 -6.72 7.32
C GLU A 53 -7.50 -5.52 7.14
N LEU A 54 -7.80 -5.12 5.90
CA LEU A 54 -8.54 -3.89 5.64
C LEU A 54 -9.93 -4.12 5.02
N GLN A 55 -10.47 -5.31 5.18
CA GLN A 55 -11.85 -5.57 4.75
C GLN A 55 -12.80 -5.47 5.94
N CYS A 56 -13.89 -4.74 5.74
CA CYS A 56 -15.04 -4.76 6.62
C CYS A 56 -15.64 -6.15 6.73
N ILE A 57 -15.80 -6.64 7.95
CA ILE A 57 -16.35 -7.97 8.15
C ILE A 57 -17.82 -8.09 7.73
N ILE A 58 -18.54 -6.97 7.68
CA ILE A 58 -19.96 -7.02 7.33
C ILE A 58 -20.16 -7.20 5.82
N CYS A 59 -19.44 -6.42 5.02
CA CYS A 59 -19.65 -6.42 3.57
C CYS A 59 -18.54 -7.11 2.80
N SER A 60 -17.42 -7.39 3.45
CA SER A 60 -16.25 -8.03 2.81
C SER A 60 -15.55 -7.15 1.76
N GLU A 61 -15.85 -5.86 1.72
CA GLU A 61 -15.17 -4.94 0.83
C GLU A 61 -14.09 -4.22 1.63
N TYR A 62 -13.09 -3.67 0.95
CA TYR A 62 -12.16 -2.77 1.66
C TYR A 62 -12.97 -1.64 2.28
N PHE A 63 -12.62 -1.25 3.51
CA PHE A 63 -13.41 -0.26 4.26
C PHE A 63 -13.69 0.97 3.41
N ILE A 64 -14.94 1.40 3.38
CA ILE A 64 -15.35 2.65 2.76
C ILE A 64 -15.77 3.57 3.90
N GLU A 65 -15.04 4.67 4.07
CA GLU A 65 -15.21 5.57 5.25
C GLU A 65 -15.14 4.81 6.56
N ALA A 66 -13.95 4.28 6.83
CA ALA A 66 -13.68 3.48 7.99
C ALA A 66 -14.03 4.23 9.28
N VAL A 67 -14.71 3.55 10.20
CA VAL A 67 -15.02 4.10 11.52
C VAL A 67 -14.57 3.07 12.54
N THR A 68 -14.07 3.56 13.66
CA THR A 68 -13.57 2.72 14.73
C THR A 68 -14.42 2.94 15.98
N LEU A 69 -14.90 1.83 16.55
CA LEU A 69 -15.72 1.87 17.74
C LEU A 69 -14.86 1.96 18.99
N ASN A 70 -15.51 2.22 20.12
CA ASN A 70 -14.83 2.28 21.42
C ASN A 70 -14.12 0.97 21.75
N CYS A 71 -14.61 -0.14 21.20
CA CYS A 71 -14.04 -1.48 21.47
C CYS A 71 -12.84 -1.79 20.54
N ALA A 72 -12.49 -0.83 19.69
CA ALA A 72 -11.29 -0.87 18.86
C ALA A 72 -11.50 -1.61 17.55
N HIS A 73 -12.72 -2.06 17.29
CA HIS A 73 -13.06 -2.68 16.02
C HIS A 73 -13.52 -1.63 15.01
N SER A 74 -13.24 -1.88 13.74
CA SER A 74 -13.58 -0.95 12.66
C SER A 74 -14.56 -1.57 11.63
N PHE A 75 -15.37 -0.70 11.02
CA PHE A 75 -16.36 -1.09 10.03
C PHE A 75 -16.50 0.06 9.05
N CYS A 76 -17.09 -0.21 7.90
CA CYS A 76 -17.53 0.86 7.00
C CYS A 76 -18.54 1.71 7.72
N SER A 77 -18.58 3.00 7.42
CA SER A 77 -19.54 3.87 8.06
C SER A 77 -20.96 3.39 7.69
N TYR A 78 -21.16 3.06 6.43
CA TYR A 78 -22.48 2.64 5.98
C TYR A 78 -22.93 1.37 6.68
N CYS A 79 -22.03 0.41 6.78
CA CYS A 79 -22.36 -0.90 7.34
C CYS A 79 -22.70 -0.83 8.83
N ILE A 80 -21.87 -0.14 9.59
CA ILE A 80 -22.18 0.01 11.00
C ILE A 80 -23.43 0.86 11.21
N ASN A 81 -23.64 1.89 10.39
CA ASN A 81 -24.84 2.71 10.55
C ASN A 81 -26.12 1.90 10.30
N GLU A 82 -26.08 0.98 9.32
CA GLU A 82 -27.20 0.06 9.06
CA GLU A 82 -27.20 0.05 9.07
C GLU A 82 -27.38 -0.94 10.22
N TRP A 83 -26.28 -1.53 10.68
CA TRP A 83 -26.31 -2.45 11.82
C TRP A 83 -26.99 -1.81 13.05
N MET A 84 -26.63 -0.56 13.33
CA MET A 84 -27.11 0.15 14.52
C MET A 84 -28.59 0.53 14.47
N LYS A 85 -29.20 0.38 13.30
CA LYS A 85 -30.67 0.49 13.20
C LYS A 85 -31.37 -0.69 13.88
N ARG A 86 -30.62 -1.77 14.14
CA ARG A 86 -31.17 -2.95 14.82
C ARG A 86 -30.51 -3.28 16.15
N LYS A 87 -29.20 -3.09 16.26
CA LYS A 87 -28.47 -3.42 17.49
C LYS A 87 -27.42 -2.35 17.81
N ILE A 88 -27.36 -1.89 19.06
CA ILE A 88 -26.35 -0.90 19.45
C ILE A 88 -25.20 -1.67 20.12
N GLU A 89 -24.63 -2.61 19.38
CA GLU A 89 -23.53 -3.42 19.87
C GLU A 89 -22.60 -3.80 18.73
N CYS A 90 -21.33 -3.97 19.07
CA CYS A 90 -20.36 -4.34 18.07
C CYS A 90 -20.71 -5.68 17.44
N PRO A 91 -20.75 -5.72 16.10
CA PRO A 91 -20.97 -6.98 15.40
C PRO A 91 -19.91 -8.02 15.74
N ILE A 92 -18.69 -7.60 16.04
CA ILE A 92 -17.61 -8.55 16.35
C ILE A 92 -17.61 -8.98 17.80
N CYS A 93 -17.50 -8.05 18.75
CA CYS A 93 -17.36 -8.44 20.15
C CYS A 93 -18.64 -8.28 20.98
N ARG A 94 -19.68 -7.68 20.40
CA ARG A 94 -20.98 -7.50 21.05
C ARG A 94 -20.98 -6.59 22.28
N LYS A 95 -19.88 -5.87 22.46
CA LYS A 95 -19.87 -4.80 23.45
C LYS A 95 -20.77 -3.63 23.03
N ASP A 96 -21.44 -3.03 24.01
CA ASP A 96 -22.25 -1.82 23.78
C ASP A 96 -21.43 -0.73 23.05
N ILE A 97 -22.01 -0.14 22.01
CA ILE A 97 -21.31 0.93 21.30
C ILE A 97 -21.46 2.27 22.02
N LYS A 98 -20.32 2.81 22.44
CA LYS A 98 -20.24 4.04 23.16
C LYS A 98 -19.70 5.20 22.34
N SER A 99 -18.95 4.92 21.27
CA SER A 99 -18.38 5.97 20.43
C SER A 99 -18.08 5.40 19.04
N LYS A 100 -18.08 6.26 18.03
CA LYS A 100 -17.82 5.89 16.65
C LYS A 100 -16.98 7.00 16.06
N THR A 101 -15.79 6.64 15.60
CA THR A 101 -14.82 7.62 15.20
C THR A 101 -14.29 7.36 13.81
N TYR A 102 -14.37 8.36 12.94
CA TYR A 102 -13.81 8.21 11.58
C TYR A 102 -12.28 8.07 11.65
N SER A 103 -11.69 7.27 10.76
CA SER A 103 -10.26 7.06 10.78
C SER A 103 -9.62 7.46 9.46
N LEU A 104 -8.99 8.62 9.45
CA LEU A 104 -8.33 9.14 8.25
C LEU A 104 -7.20 8.24 7.79
N VAL A 105 -6.42 7.70 8.74
CA VAL A 105 -5.27 6.85 8.36
C VAL A 105 -5.73 5.60 7.61
N LEU A 106 -6.77 4.94 8.10
CA LEU A 106 -7.31 3.77 7.41
C LEU A 106 -7.79 4.10 5.99
N ASP A 107 -8.54 5.19 5.88
CA ASP A 107 -9.08 5.62 4.60
CA ASP A 107 -9.09 5.67 4.61
C ASP A 107 -7.97 5.98 3.62
N ASN A 108 -6.99 6.77 4.04
CA ASN A 108 -5.88 7.16 3.17
C ASN A 108 -5.02 5.96 2.73
N CYS A 109 -4.77 5.03 3.64
CA CYS A 109 -4.00 3.82 3.31
C CYS A 109 -4.74 2.97 2.28
N ILE A 110 -6.03 2.75 2.49
CA ILE A 110 -6.83 2.02 1.53
C ILE A 110 -6.85 2.72 0.16
N ASN A 111 -7.16 4.01 0.15
CA ASN A 111 -7.21 4.78 -1.10
C ASN A 111 -5.90 4.74 -1.88
N LYS A 112 -4.80 4.92 -1.16
CA LYS A 112 -3.48 4.88 -1.80
C LYS A 112 -3.05 3.53 -2.37
N MET A 113 -3.41 2.45 -1.71
CA MET A 113 -3.06 1.10 -2.14
CA MET A 113 -3.03 1.11 -2.17
C MET A 113 -3.93 0.65 -3.28
N VAL A 114 -5.24 0.90 -3.15
CA VAL A 114 -6.19 0.51 -4.20
C VAL A 114 -5.88 1.23 -5.51
N ASN A 115 -5.34 2.44 -5.42
CA ASN A 115 -4.98 3.20 -6.62
C ASN A 115 -3.96 2.47 -7.52
N ASN A 116 -3.26 1.47 -6.96
CA ASN A 116 -2.26 0.71 -7.73
C ASN A 116 -2.77 -0.59 -8.35
N LEU A 117 -4.02 -0.94 -8.07
CA LEU A 117 -4.58 -2.22 -8.51
C LEU A 117 -5.31 -2.04 -9.84
N SER A 118 -5.96 -3.10 -10.32
CA SER A 118 -6.52 -3.08 -11.67
C SER A 118 -7.66 -2.08 -11.77
N SER A 119 -7.99 -1.72 -13.01
CA SER A 119 -9.12 -0.84 -13.30
C SER A 119 -10.39 -1.43 -12.76
N GLU A 120 -10.55 -2.75 -12.90
CA GLU A 120 -11.72 -3.46 -12.40
C GLU A 120 -11.92 -3.26 -10.90
N VAL A 121 -10.84 -3.37 -10.13
CA VAL A 121 -10.90 -3.21 -8.67
C VAL A 121 -11.21 -1.75 -8.27
N LYS A 122 -10.55 -0.82 -8.95
CA LYS A 122 -10.71 0.61 -8.66
C LYS A 122 -12.14 1.04 -8.97
N GLU A 123 -12.63 0.59 -10.11
CA GLU A 123 -14.00 0.90 -10.55
C GLU A 123 -15.10 0.34 -9.63
N ARG A 124 -14.95 -0.90 -9.19
CA ARG A 124 -15.88 -1.49 -8.21
C ARG A 124 -16.00 -0.61 -6.95
N ARG A 125 -14.87 -0.20 -6.41
CA ARG A 125 -14.86 0.68 -5.27
C ARG A 125 -15.61 1.99 -5.57
N ILE A 126 -15.32 2.61 -6.70
CA ILE A 126 -16.02 3.84 -7.05
C ILE A 126 -17.55 3.61 -7.15
N VAL A 127 -17.95 2.48 -7.72
CA VAL A 127 -19.37 2.17 -7.83
C VAL A 127 -19.98 2.00 -6.45
N LEU A 128 -19.29 1.26 -5.59
CA LEU A 128 -19.81 1.00 -4.23
C LEU A 128 -19.97 2.27 -3.45
N ILE A 129 -19.03 3.20 -3.64
CA ILE A 129 -19.10 4.48 -2.91
C ILE A 129 -20.32 5.25 -3.38
N ARG A 130 -20.53 5.25 -4.71
CA ARG A 130 -21.67 5.92 -5.32
C ARG A 130 -22.99 5.31 -4.86
N GLU A 131 -23.05 3.98 -4.81
CA GLU A 131 -24.26 3.28 -4.36
C GLU A 131 -24.64 3.65 -2.94
N ARG A 132 -23.64 3.72 -2.08
CA ARG A 132 -23.86 3.99 -0.65
C ARG A 132 -24.28 5.42 -0.36
N LYS A 133 -23.77 6.37 -1.15
CA LYS A 133 -24.14 7.76 -1.04
C LYS A 133 -25.45 8.12 -1.71
N ALA A 134 -25.94 7.23 -2.57
CA ALA A 134 -27.18 7.47 -3.30
C ALA A 134 -28.37 7.54 -2.34
N LYS A 135 -29.38 8.32 -2.73
CA LYS A 135 -30.58 8.53 -1.90
C LYS A 135 -31.51 7.32 -1.94
N ARG A 136 -32.20 7.06 -0.83
CA ARG A 136 -33.15 5.95 -0.76
C ARG A 136 -34.19 6.18 0.34
N LYS B 12 20.08 -11.92 -50.51
CA LYS B 12 19.35 -11.82 -49.21
C LYS B 12 19.29 -10.35 -48.74
N ASP B 13 18.20 -9.97 -48.07
CA ASP B 13 18.06 -8.60 -47.62
C ASP B 13 18.72 -8.36 -46.25
N PHE B 14 20.01 -8.03 -46.28
CA PHE B 14 20.75 -7.79 -45.06
C PHE B 14 20.24 -6.54 -44.35
N GLU B 15 19.95 -5.48 -45.11
CA GLU B 15 19.35 -4.26 -44.54
C GLU B 15 18.04 -4.55 -43.79
N ALA B 16 17.21 -5.41 -44.34
CA ALA B 16 15.93 -5.76 -43.71
C ALA B 16 16.13 -6.53 -42.40
N ILE B 17 17.17 -7.36 -42.34
CA ILE B 17 17.48 -8.11 -41.11
C ILE B 17 17.88 -7.14 -39.98
N ILE B 18 18.75 -6.19 -40.30
CA ILE B 18 19.14 -5.15 -39.33
C ILE B 18 17.95 -4.29 -38.86
N GLN B 19 17.09 -3.88 -39.78
CA GLN B 19 15.91 -3.05 -39.44
C GLN B 19 14.94 -3.80 -38.55
N ALA B 20 14.69 -5.07 -38.85
CA ALA B 20 13.84 -5.90 -37.97
C ALA B 20 14.45 -6.11 -36.57
N LYS B 21 15.76 -6.34 -36.50
CA LYS B 21 16.40 -6.44 -35.17
C LYS B 21 16.36 -5.11 -34.39
N ASN B 22 16.47 -3.99 -35.10
CA ASN B 22 16.40 -2.67 -34.49
C ASN B 22 15.01 -2.34 -33.92
N LYS B 23 13.96 -2.66 -34.67
CA LYS B 23 12.59 -2.48 -34.19
C LYS B 23 12.29 -3.36 -32.97
N GLU B 24 12.72 -4.61 -33.03
CA GLU B 24 12.58 -5.56 -31.91
C GLU B 24 13.20 -4.97 -30.63
N LEU B 25 14.40 -4.43 -30.79
CA LEU B 25 15.12 -3.78 -29.70
C LEU B 25 14.39 -2.53 -29.21
N GLU B 26 13.90 -1.72 -30.15
CA GLU B 26 13.17 -0.51 -29.78
C GLU B 26 11.90 -0.84 -29.00
N GLN B 27 11.15 -1.83 -29.49
CA GLN B 27 9.97 -2.34 -28.82
C GLN B 27 10.28 -2.87 -27.42
N THR B 28 11.33 -3.67 -27.30
CA THR B 28 11.73 -4.20 -26.00
C THR B 28 12.16 -3.09 -25.04
N LYS B 29 12.85 -2.07 -25.53
CA LYS B 29 13.25 -0.94 -24.67
C LYS B 29 12.04 -0.18 -24.12
N GLU B 30 11.06 0.12 -24.97
CA GLU B 30 9.88 0.87 -24.51
C GLU B 30 9.07 0.06 -23.48
N GLU B 31 8.94 -1.25 -23.72
CA GLU B 31 8.33 -2.17 -22.76
C GLU B 31 9.03 -2.09 -21.41
N LYS B 32 10.36 -2.15 -21.43
CA LYS B 32 11.16 -2.04 -20.22
C LYS B 32 10.94 -0.70 -19.53
N GLU B 33 10.99 0.39 -20.28
CA GLU B 33 10.83 1.72 -19.70
C GLU B 33 9.45 1.87 -19.05
N LYS B 34 8.43 1.28 -19.66
CA LYS B 34 7.08 1.29 -19.08
C LYS B 34 7.03 0.52 -17.76
N MET B 35 7.60 -0.69 -17.75
CA MET B 35 7.64 -1.53 -16.56
C MET B 35 8.41 -0.86 -15.43
N GLN B 36 9.50 -0.17 -15.77
CA GLN B 36 10.28 0.59 -14.80
C GLN B 36 9.46 1.70 -14.14
N ALA B 37 8.75 2.49 -14.95
CA ALA B 37 7.88 3.56 -14.44
C ALA B 37 6.76 3.01 -13.55
N GLN B 38 6.17 1.88 -13.96
CA GLN B 38 5.14 1.20 -13.17
C GLN B 38 5.71 0.72 -11.85
N LYS B 39 6.86 0.04 -11.91
CA LYS B 39 7.58 -0.38 -10.71
C LYS B 39 7.86 0.80 -9.80
N GLU B 40 8.45 1.87 -10.33
CA GLU B 40 8.79 3.03 -9.50
C GLU B 40 7.53 3.68 -8.87
N GLU B 41 6.44 3.71 -9.62
CA GLU B 41 5.20 4.31 -9.15
CA GLU B 41 5.19 4.31 -9.15
C GLU B 41 4.64 3.54 -7.95
N VAL B 42 4.60 2.22 -8.05
CA VAL B 42 4.05 1.36 -7.01
C VAL B 42 4.87 1.49 -5.71
N LEU B 43 6.19 1.45 -5.85
CA LEU B 43 7.11 1.54 -4.70
C LEU B 43 7.02 2.88 -4.00
N SER B 44 6.99 3.93 -4.81
CA SER B 44 6.72 5.28 -4.35
C SER B 44 5.44 5.33 -3.50
N HIS B 45 4.37 4.74 -4.02
CA HIS B 45 3.10 4.71 -3.30
C HIS B 45 3.17 3.91 -2.01
N MET B 46 3.86 2.77 -2.05
CA MET B 46 4.05 1.95 -0.86
C MET B 46 4.81 2.73 0.22
N ASN B 47 5.88 3.40 -0.19
CA ASN B 47 6.70 4.17 0.74
C ASN B 47 5.95 5.36 1.31
N ASP B 48 5.11 5.97 0.48
CA ASP B 48 4.26 7.05 0.93
C ASP B 48 3.31 6.60 2.07
N VAL B 49 2.69 5.43 1.90
CA VAL B 49 1.87 4.83 2.93
C VAL B 49 2.69 4.59 4.20
N LEU B 50 3.85 3.96 4.07
CA LEU B 50 4.71 3.65 5.21
C LEU B 50 5.19 4.91 5.93
N GLU B 51 5.71 5.87 5.17
CA GLU B 51 6.39 7.03 5.74
C GLU B 51 5.41 8.13 6.12
N ASN B 52 4.36 8.32 5.33
CA ASN B 52 3.46 9.47 5.51
C ASN B 52 2.10 9.17 6.14
N GLU B 53 1.64 7.93 6.07
CA GLU B 53 0.38 7.57 6.72
C GLU B 53 0.59 6.80 8.00
N LEU B 54 1.52 5.86 8.03
CA LEU B 54 1.60 4.98 9.19
C LEU B 54 2.65 5.42 10.23
N GLN B 55 3.30 6.57 10.04
CA GLN B 55 4.26 7.07 11.03
C GLN B 55 3.63 8.13 11.94
N CYS B 56 3.79 7.93 13.23
CA CYS B 56 3.36 8.91 14.23
C CYS B 56 4.11 10.23 14.09
N ILE B 57 3.39 11.33 14.02
CA ILE B 57 4.01 12.66 13.86
C ILE B 57 4.79 13.08 15.10
N ILE B 58 4.44 12.56 16.28
CA ILE B 58 5.15 12.94 17.51
C ILE B 58 6.50 12.27 17.62
N CYS B 59 6.58 10.96 17.34
CA CYS B 59 7.82 10.19 17.56
C CYS B 59 8.52 9.71 16.27
N SER B 60 7.88 9.88 15.13
CA SER B 60 8.41 9.46 13.84
C SER B 60 8.62 7.95 13.73
N GLU B 61 7.93 7.17 14.55
CA GLU B 61 7.96 5.72 14.43
C GLU B 61 6.63 5.26 13.82
N TYR B 62 6.60 4.08 13.21
CA TYR B 62 5.32 3.47 12.86
C TYR B 62 4.47 3.39 14.13
N PHE B 63 3.18 3.75 14.06
CA PHE B 63 2.33 3.79 15.26
C PHE B 63 2.48 2.55 16.14
N ILE B 64 2.62 2.77 17.44
CA ILE B 64 2.67 1.68 18.41
C ILE B 64 1.45 1.84 19.28
N GLU B 65 0.56 0.85 19.26
CA GLU B 65 -0.73 0.95 19.97
C GLU B 65 -1.50 2.16 19.47
N ALA B 66 -1.91 2.10 18.22
CA ALA B 66 -2.51 3.24 17.57
C ALA B 66 -3.81 3.64 18.31
N VAL B 67 -3.94 4.95 18.49
CA VAL B 67 -5.18 5.53 19.03
CA VAL B 67 -5.14 5.58 19.06
C VAL B 67 -5.67 6.58 18.04
N THR B 68 -6.97 6.59 17.82
CA THR B 68 -7.60 7.53 16.89
C THR B 68 -8.48 8.49 17.71
N LEU B 69 -8.30 9.79 17.49
CA LEU B 69 -9.04 10.83 18.20
C LEU B 69 -10.33 11.19 17.48
N ASN B 70 -11.19 11.94 18.15
CA ASN B 70 -12.47 12.36 17.59
C ASN B 70 -12.31 13.08 16.26
N CYS B 71 -11.19 13.78 16.09
CA CYS B 71 -10.92 14.53 14.86
C CYS B 71 -10.39 13.65 13.70
N ALA B 72 -10.30 12.36 13.95
CA ALA B 72 -9.91 11.33 12.98
C ALA B 72 -8.43 11.13 12.80
N HIS B 73 -7.60 11.85 13.54
CA HIS B 73 -6.14 11.69 13.45
C HIS B 73 -5.69 10.61 14.41
N SER B 74 -4.64 9.90 14.03
CA SER B 74 -4.12 8.83 14.87
C SER B 74 -2.69 9.12 15.38
N PHE B 75 -2.36 8.52 16.52
CA PHE B 75 -1.08 8.71 17.22
C PHE B 75 -0.78 7.42 17.98
N CYS B 76 0.48 7.20 18.35
CA CYS B 76 0.78 6.15 19.32
C CYS B 76 0.04 6.49 20.62
N SER B 77 -0.41 5.47 21.33
CA SER B 77 -1.02 5.67 22.64
C SER B 77 -0.07 6.41 23.59
N TYR B 78 1.17 5.97 23.64
CA TYR B 78 2.17 6.58 24.53
C TYR B 78 2.35 8.05 24.19
N CYS B 79 2.51 8.33 22.91
CA CYS B 79 2.78 9.70 22.45
C CYS B 79 1.64 10.65 22.78
N ILE B 80 0.42 10.24 22.46
CA ILE B 80 -0.71 11.14 22.67
C ILE B 80 -0.99 11.37 24.15
N ASN B 81 -0.77 10.35 24.99
CA ASN B 81 -0.91 10.54 26.44
C ASN B 81 0.07 11.54 27.04
N GLU B 82 1.34 11.44 26.64
CA GLU B 82 2.30 12.43 27.05
C GLU B 82 1.92 13.83 26.57
N TRP B 83 1.44 13.93 25.33
CA TRP B 83 1.00 15.20 24.79
C TRP B 83 -0.13 15.78 25.62
N MET B 84 -1.12 14.93 25.88
CA MET B 84 -2.31 15.32 26.63
C MET B 84 -2.08 15.73 28.06
N LYS B 85 -0.95 15.33 28.65
CA LYS B 85 -0.64 15.86 29.98
C LYS B 85 -0.37 17.36 29.92
N ARG B 86 0.03 17.85 28.74
CA ARG B 86 0.40 19.26 28.55
C ARG B 86 -0.61 20.08 27.77
N LYS B 87 -1.30 19.46 26.82
CA LYS B 87 -2.20 20.18 25.92
C LYS B 87 -3.35 19.25 25.61
N ILE B 88 -4.57 19.77 25.47
CA ILE B 88 -5.71 18.90 25.11
C ILE B 88 -6.23 19.27 23.72
N GLU B 89 -5.31 19.59 22.81
CA GLU B 89 -5.60 19.87 21.41
C GLU B 89 -4.87 18.87 20.52
N CYS B 90 -5.55 18.33 19.50
CA CYS B 90 -4.86 17.43 18.57
C CYS B 90 -3.56 18.05 18.09
N PRO B 91 -2.45 17.31 18.18
CA PRO B 91 -1.21 17.87 17.63
C PRO B 91 -1.35 18.37 16.19
N ILE B 92 -2.08 17.63 15.36
CA ILE B 92 -2.12 17.91 13.91
C ILE B 92 -3.11 19.02 13.56
N CYS B 93 -4.38 18.90 13.98
CA CYS B 93 -5.40 19.89 13.62
C CYS B 93 -5.75 20.89 14.72
N ARG B 94 -5.21 20.65 15.92
CA ARG B 94 -5.43 21.49 17.09
C ARG B 94 -6.88 21.58 17.59
N LYS B 95 -7.77 20.71 17.12
CA LYS B 95 -9.12 20.65 17.70
C LYS B 95 -9.05 20.07 19.10
N ASP B 96 -9.87 20.58 20.02
CA ASP B 96 -9.89 20.06 21.39
C ASP B 96 -10.17 18.58 21.36
N ILE B 97 -9.38 17.81 22.09
CA ILE B 97 -9.54 16.36 22.12
C ILE B 97 -10.74 16.02 23.00
N LYS B 98 -11.67 15.25 22.44
CA LYS B 98 -12.88 14.85 23.13
C LYS B 98 -12.96 13.34 23.29
N SER B 99 -12.32 12.58 22.40
CA SER B 99 -12.30 11.12 22.55
C SER B 99 -11.05 10.46 22.00
N LYS B 100 -10.73 9.31 22.58
CA LYS B 100 -9.68 8.42 22.12
C LYS B 100 -10.25 7.03 21.95
N THR B 101 -9.82 6.34 20.89
CA THR B 101 -10.08 4.92 20.83
C THR B 101 -8.89 4.20 20.23
N TYR B 102 -8.58 3.03 20.78
CA TYR B 102 -7.59 2.13 20.18
C TYR B 102 -8.13 1.58 18.87
N SER B 103 -7.23 1.05 18.05
CA SER B 103 -7.60 0.58 16.73
C SER B 103 -6.85 -0.70 16.44
N LEU B 104 -7.54 -1.84 16.60
CA LEU B 104 -7.01 -3.16 16.28
C LEU B 104 -6.60 -3.27 14.81
N VAL B 105 -7.39 -2.69 13.93
CA VAL B 105 -7.14 -2.80 12.48
C VAL B 105 -5.82 -2.10 12.14
N LEU B 106 -5.62 -0.89 12.68
CA LEU B 106 -4.37 -0.16 12.42
CA LEU B 106 -4.37 -0.15 12.44
C LEU B 106 -3.17 -0.92 12.97
N ASP B 107 -3.28 -1.43 14.19
CA ASP B 107 -2.17 -2.21 14.75
C ASP B 107 -1.87 -3.46 13.93
N ASN B 108 -2.91 -4.19 13.52
CA ASN B 108 -2.74 -5.41 12.72
C ASN B 108 -2.20 -5.13 11.33
N ILE B 110 -0.34 -2.50 10.51
CA ILE B 110 1.07 -2.12 10.71
C ILE B 110 1.98 -3.33 10.96
N ASN B 111 1.56 -4.24 11.83
CA ASN B 111 2.35 -5.47 12.06
C ASN B 111 2.61 -6.25 10.77
N LYS B 112 1.59 -6.34 9.91
CA LYS B 112 1.74 -7.05 8.66
C LYS B 112 2.72 -6.33 7.74
N MET B 113 2.59 -5.01 7.64
CA MET B 113 3.46 -4.20 6.80
C MET B 113 4.91 -4.27 7.29
N VAL B 114 5.11 -4.00 8.57
CA VAL B 114 6.44 -4.00 9.16
C VAL B 114 7.13 -5.37 8.99
N ASN B 115 6.32 -6.44 9.01
CA ASN B 115 6.81 -7.80 8.84
C ASN B 115 7.56 -8.01 7.51
N ASN B 116 7.25 -7.18 6.53
CA ASN B 116 7.95 -7.20 5.25
C ASN B 116 9.14 -6.26 5.14
N LEU B 117 9.57 -5.68 6.26
CA LEU B 117 10.69 -4.75 6.25
C LEU B 117 11.91 -5.43 6.84
N SER B 118 13.04 -4.72 6.89
CA SER B 118 14.31 -5.29 7.34
C SER B 118 14.24 -5.67 8.81
N SER B 119 15.06 -6.64 9.22
CA SER B 119 15.02 -7.12 10.61
C SER B 119 15.48 -6.04 11.60
N GLU B 120 16.21 -5.05 11.10
CA GLU B 120 16.54 -3.86 11.88
C GLU B 120 15.29 -3.07 12.25
N VAL B 121 14.44 -2.82 11.26
CA VAL B 121 13.19 -2.10 11.48
C VAL B 121 12.27 -2.92 12.39
N LYS B 122 12.20 -4.22 12.13
CA LYS B 122 11.36 -5.11 12.94
C LYS B 122 11.81 -5.17 14.40
N GLU B 123 13.12 -5.22 14.64
CA GLU B 123 13.65 -5.33 16.00
C GLU B 123 13.53 -4.00 16.77
N ARG B 124 13.76 -2.89 16.07
CA ARG B 124 13.50 -1.55 16.64
C ARG B 124 12.07 -1.40 17.17
N ARG B 125 11.10 -1.81 16.35
CA ARG B 125 9.69 -1.80 16.75
C ARG B 125 9.43 -2.68 17.98
N ILE B 126 10.07 -3.84 18.04
CA ILE B 126 9.93 -4.74 19.19
C ILE B 126 10.44 -4.07 20.46
N VAL B 127 11.59 -3.41 20.34
CA VAL B 127 12.22 -2.71 21.46
C VAL B 127 11.35 -1.59 22.00
N LEU B 128 10.78 -0.78 21.11
CA LEU B 128 9.91 0.33 21.54
C LEU B 128 8.65 -0.20 22.22
N ILE B 129 8.06 -1.23 21.64
CA ILE B 129 6.86 -1.85 22.22
C ILE B 129 7.10 -2.25 23.66
N ARG B 130 8.22 -2.92 23.92
CA ARG B 130 8.54 -3.36 25.29
C ARG B 130 8.93 -2.16 26.17
N GLU B 131 9.74 -1.25 25.64
CA GLU B 131 10.12 -0.01 26.32
C GLU B 131 8.92 0.83 26.78
N ARG B 132 7.88 0.90 25.95
CA ARG B 132 6.70 1.68 26.30
C ARG B 132 5.68 0.89 27.11
N LYS B 133 5.96 -0.39 27.33
CA LYS B 133 5.03 -1.30 27.97
C LYS B 133 3.67 -1.31 27.24
N ALA B 134 3.74 -1.40 25.91
CA ALA B 134 2.55 -1.30 25.06
C ALA B 134 1.80 -2.64 25.05
N LYS B 135 1.06 -2.86 26.13
CA LYS B 135 0.40 -4.13 26.43
C LYS B 135 -0.44 -4.73 25.32
N ARG B 136 -1.18 -3.89 24.60
CA ARG B 136 -2.19 -4.38 23.65
C ARG B 136 -1.58 -5.16 22.50
N LEU B 137 -0.33 -4.85 22.17
CA LEU B 137 0.47 -5.60 21.21
C LEU B 137 1.18 -6.74 21.97
N PHE B 138 0.40 -7.78 22.29
CA PHE B 138 0.80 -8.81 23.26
C PHE B 138 2.28 -9.19 23.15
#